data_1BE4
#
_entry.id   1BE4
#
_cell.length_a   128.610
_cell.length_b   128.610
_cell.length_c   88.180
_cell.angle_alpha   90.00
_cell.angle_beta   90.00
_cell.angle_gamma   90.00
#
_symmetry.space_group_name_H-M   'P 43 21 2'
#
loop_
_entity.id
_entity.type
_entity.pdbx_description
1 polymer 'NUCLEOSIDE DIPHOSPHATE TRANSFERASE'
2 non-polymer 'CYCLIC GUANOSINE MONOPHOSPHATE'
3 water water
#
_entity_poly.entity_id   1
_entity_poly.type   'polypeptide(L)'
_entity_poly.pdbx_seq_one_letter_code
;ANSERTFIAIKPDGVQRGLMGEIIKRFEQKGFRLVAMKFMRASEDLLKEHYIDLKDRPFFAGLVKYMHSGPVVAMVWEGL
NVVKTGRVMLGETNPADSKPGTIRGDFCIQVGRNIIHGSDSVESAEKEIALWFRPEELVNYKSCAQNWIYE
;
_entity_poly.pdbx_strand_id   A,B,C
#
loop_
_chem_comp.id
_chem_comp.type
_chem_comp.name
_chem_comp.formula
PCG non-polymer 'CYCLIC GUANOSINE MONOPHOSPHATE' 'C10 H12 N5 O7 P'
#
# COMPACT_ATOMS: atom_id res chain seq x y z
N ALA A 1 16.35 -3.42 21.72
CA ALA A 1 15.98 -4.76 21.19
C ALA A 1 15.90 -4.62 19.67
N ASN A 2 16.47 -3.51 19.35
CA ASN A 2 16.58 -3.00 18.01
C ASN A 2 17.51 -3.75 17.15
N SER A 3 17.91 -4.84 17.76
CA SER A 3 18.91 -5.72 17.27
C SER A 3 18.36 -6.96 16.64
N GLU A 4 17.06 -7.25 16.87
CA GLU A 4 16.58 -8.43 16.28
C GLU A 4 16.87 -8.56 14.80
N ARG A 5 17.12 -9.80 14.39
CA ARG A 5 17.28 -10.07 12.97
C ARG A 5 16.31 -10.97 12.31
N THR A 6 16.31 -10.91 10.97
CA THR A 6 15.34 -11.69 10.13
C THR A 6 16.11 -11.98 8.86
N PHE A 7 15.61 -13.04 8.22
CA PHE A 7 16.23 -13.50 7.00
C PHE A 7 15.11 -13.51 5.96
N ILE A 8 15.60 -12.69 4.99
CA ILE A 8 14.83 -12.39 3.79
C ILE A 8 15.47 -12.91 2.56
N ALA A 9 14.54 -13.56 1.86
CA ALA A 9 15.04 -14.03 0.57
C ALA A 9 14.10 -13.83 -0.57
N ILE A 10 14.85 -13.32 -1.55
CA ILE A 10 14.20 -13.11 -2.85
C ILE A 10 14.36 -14.35 -3.70
N LYS A 11 13.16 -14.91 -3.83
CA LYS A 11 12.97 -16.12 -4.53
C LYS A 11 13.36 -15.92 -5.94
N PRO A 12 13.72 -16.97 -6.68
CA PRO A 12 14.26 -16.83 -8.07
C PRO A 12 13.24 -16.13 -9.05
N ASP A 13 11.90 -16.33 -8.93
CA ASP A 13 10.93 -15.61 -9.70
C ASP A 13 10.87 -14.09 -9.40
N GLY A 14 11.02 -13.62 -8.13
CA GLY A 14 10.99 -12.20 -7.87
C GLY A 14 12.24 -11.74 -8.51
N VAL A 15 13.32 -12.49 -8.51
CA VAL A 15 14.46 -11.79 -9.21
C VAL A 15 14.12 -11.68 -10.71
N GLN A 16 13.42 -12.72 -11.16
CA GLN A 16 13.20 -12.88 -12.55
C GLN A 16 12.16 -11.87 -12.84
N ARG A 17 11.54 -11.49 -11.76
CA ARG A 17 10.54 -10.46 -11.98
C ARG A 17 10.95 -8.98 -11.96
N GLY A 18 12.27 -8.81 -11.70
CA GLY A 18 12.87 -7.45 -11.65
C GLY A 18 12.14 -6.79 -10.51
N LEU A 19 12.21 -7.51 -9.42
CA LEU A 19 11.54 -7.04 -8.24
C LEU A 19 12.59 -6.94 -7.15
N MET A 20 13.84 -6.95 -7.50
CA MET A 20 14.66 -6.82 -6.38
C MET A 20 14.80 -5.51 -5.69
N GLY A 21 15.20 -4.38 -6.36
CA GLY A 21 15.38 -2.99 -5.76
C GLY A 21 13.97 -2.64 -5.24
N GLU A 22 13.00 -3.21 -5.88
CA GLU A 22 11.71 -2.87 -5.33
C GLU A 22 11.41 -3.33 -3.94
N ILE A 23 11.85 -4.52 -3.64
CA ILE A 23 11.51 -5.07 -2.36
C ILE A 23 12.57 -4.64 -1.46
N ILE A 24 13.80 -4.57 -1.95
CA ILE A 24 14.83 -4.04 -1.10
C ILE A 24 14.46 -2.64 -0.62
N LYS A 25 13.78 -1.89 -1.43
CA LYS A 25 13.31 -0.55 -1.15
C LYS A 25 12.37 -0.52 0.09
N ARG A 26 11.29 -1.30 0.08
CA ARG A 26 10.35 -1.52 1.11
C ARG A 26 11.01 -1.71 2.46
N PHE A 27 12.19 -2.32 2.41
CA PHE A 27 12.83 -2.60 3.67
C PHE A 27 13.45 -1.39 4.23
N GLU A 28 14.43 -0.89 3.46
CA GLU A 28 15.14 0.37 3.64
C GLU A 28 14.19 1.56 4.04
N GLN A 29 13.18 1.76 3.21
CA GLN A 29 12.26 2.80 3.57
C GLN A 29 11.53 2.53 4.88
N LYS A 30 11.25 1.29 5.25
CA LYS A 30 10.58 1.03 6.51
C LYS A 30 11.62 1.42 7.60
N GLY A 31 12.87 1.44 7.38
CA GLY A 31 13.63 1.85 8.53
C GLY A 31 14.67 0.79 8.81
N PHE A 32 14.53 -0.47 8.39
CA PHE A 32 15.56 -1.55 8.68
C PHE A 32 16.99 -1.51 8.30
N ARG A 33 17.95 -1.84 9.16
CA ARG A 33 19.35 -1.92 8.70
C ARG A 33 19.66 -3.27 7.97
N LEU A 34 20.47 -3.13 6.95
CA LEU A 34 20.82 -4.27 6.15
C LEU A 34 22.10 -4.76 6.67
N VAL A 35 22.01 -6.04 7.15
CA VAL A 35 23.22 -6.65 7.69
C VAL A 35 24.04 -7.36 6.71
N ALA A 36 23.30 -8.02 5.83
CA ALA A 36 24.05 -8.89 4.91
C ALA A 36 23.06 -9.20 3.79
N MET A 37 23.76 -9.21 2.65
CA MET A 37 23.16 -9.46 1.35
C MET A 37 24.05 -10.12 0.29
N LYS A 38 23.37 -11.12 -0.37
CA LYS A 38 23.92 -11.89 -1.46
C LYS A 38 22.90 -12.52 -2.37
N PHE A 39 23.49 -12.51 -3.57
CA PHE A 39 22.86 -12.93 -4.80
C PHE A 39 23.45 -14.27 -5.13
N MET A 40 22.47 -15.16 -5.24
CA MET A 40 23.14 -16.39 -5.62
C MET A 40 22.24 -17.53 -5.87
N ARG A 41 23.00 -18.62 -6.23
CA ARG A 41 22.17 -19.87 -6.47
C ARG A 41 21.97 -20.74 -5.23
N ALA A 42 20.82 -20.93 -4.65
CA ALA A 42 20.85 -21.76 -3.42
C ALA A 42 21.22 -23.25 -3.69
N SER A 43 22.20 -23.91 -3.02
CA SER A 43 22.50 -25.37 -3.26
C SER A 43 21.44 -26.30 -2.79
N GLU A 44 21.50 -27.45 -3.45
CA GLU A 44 20.47 -28.45 -3.02
C GLU A 44 20.54 -28.80 -1.52
N ASP A 45 21.78 -29.02 -1.02
CA ASP A 45 21.95 -29.25 0.42
C ASP A 45 21.42 -28.08 1.26
N LEU A 46 21.89 -26.90 0.88
CA LEU A 46 21.42 -25.85 1.70
C LEU A 46 19.90 -25.83 1.71
N LEU A 47 19.40 -25.88 0.50
CA LEU A 47 17.92 -25.81 0.34
C LEU A 47 17.07 -26.87 1.05
N LYS A 48 17.73 -28.02 1.18
CA LYS A 48 17.08 -29.19 1.70
C LYS A 48 17.06 -28.95 3.17
N GLU A 49 18.29 -28.50 3.47
CA GLU A 49 18.44 -28.22 4.87
C GLU A 49 17.44 -27.14 5.19
N HIS A 50 17.45 -26.15 4.29
CA HIS A 50 16.59 -25.06 4.59
C HIS A 50 15.14 -25.48 4.69
N TYR A 51 14.60 -26.29 3.77
CA TYR A 51 13.16 -26.61 3.83
C TYR A 51 12.75 -27.82 4.70
N ILE A 52 13.76 -28.34 5.44
CA ILE A 52 13.71 -29.47 6.33
C ILE A 52 12.40 -29.66 7.04
N ASP A 53 11.78 -28.67 7.67
CA ASP A 53 10.51 -28.97 8.33
C ASP A 53 9.38 -29.60 7.60
N LEU A 54 9.57 -29.52 6.31
CA LEU A 54 8.50 -29.99 5.44
C LEU A 54 8.87 -31.07 4.46
N LYS A 55 9.94 -31.79 4.76
CA LYS A 55 10.52 -32.80 3.90
C LYS A 55 9.57 -33.89 3.40
N ASP A 56 8.40 -33.82 4.01
CA ASP A 56 7.52 -34.88 3.63
C ASP A 56 6.43 -34.42 2.75
N ARG A 57 5.79 -33.41 3.29
CA ARG A 57 4.68 -32.83 2.55
C ARG A 57 5.00 -32.91 1.05
N PRO A 58 3.89 -32.88 0.35
CA PRO A 58 3.93 -32.89 -1.11
C PRO A 58 4.91 -31.95 -1.85
N PHE A 59 4.47 -30.68 -1.95
CA PHE A 59 5.05 -29.53 -2.59
C PHE A 59 6.56 -29.52 -2.63
N PHE A 60 7.08 -30.25 -1.63
CA PHE A 60 8.49 -30.53 -1.30
C PHE A 60 9.50 -30.31 -2.35
N ALA A 61 10.04 -31.37 -2.88
CA ALA A 61 11.10 -31.11 -3.83
C ALA A 61 10.72 -30.29 -5.04
N GLY A 62 9.49 -29.81 -5.04
CA GLY A 62 9.04 -29.01 -6.12
C GLY A 62 9.42 -27.65 -5.64
N LEU A 63 9.90 -27.72 -4.40
CA LEU A 63 10.23 -26.51 -3.78
C LEU A 63 11.62 -26.35 -4.20
N VAL A 64 12.28 -27.42 -3.79
CA VAL A 64 13.74 -27.51 -3.84
C VAL A 64 14.22 -27.24 -5.21
N LYS A 65 13.14 -27.57 -5.92
CA LYS A 65 13.35 -27.47 -7.29
C LYS A 65 13.57 -26.10 -7.91
N TYR A 66 12.41 -25.50 -7.71
CA TYR A 66 12.22 -24.17 -8.19
C TYR A 66 13.32 -23.47 -7.51
N MET A 67 13.22 -23.59 -6.19
CA MET A 67 14.24 -23.00 -5.36
C MET A 67 15.64 -23.14 -5.79
N HIS A 68 15.94 -24.12 -6.70
CA HIS A 68 17.35 -24.13 -7.12
C HIS A 68 17.60 -23.86 -8.60
N SER A 69 16.50 -23.46 -9.22
CA SER A 69 16.52 -23.13 -10.65
C SER A 69 16.90 -21.75 -11.09
N GLY A 70 17.38 -20.92 -10.18
CA GLY A 70 17.63 -19.54 -10.49
C GLY A 70 18.34 -18.86 -9.38
N PRO A 71 18.58 -17.54 -9.47
CA PRO A 71 19.27 -17.02 -8.30
C PRO A 71 18.22 -16.47 -7.33
N VAL A 72 18.72 -16.30 -6.11
CA VAL A 72 17.87 -15.71 -5.17
C VAL A 72 18.75 -14.57 -4.67
N VAL A 73 18.06 -13.67 -3.92
CA VAL A 73 18.76 -12.64 -3.16
C VAL A 73 18.38 -13.04 -1.75
N ALA A 74 19.56 -13.37 -1.27
CA ALA A 74 19.61 -13.75 0.13
C ALA A 74 19.93 -12.56 1.06
N MET A 75 19.03 -12.21 1.96
CA MET A 75 19.34 -11.10 2.91
C MET A 75 18.88 -11.32 4.39
N VAL A 76 19.62 -10.53 5.18
CA VAL A 76 19.56 -10.23 6.63
C VAL A 76 19.56 -8.73 6.93
N TRP A 77 18.35 -8.47 7.41
CA TRP A 77 17.79 -7.20 7.80
C TRP A 77 17.57 -7.09 9.30
N GLU A 78 18.09 -5.96 9.85
CA GLU A 78 17.98 -5.72 11.29
C GLU A 78 16.96 -4.75 11.94
N GLY A 79 16.54 -5.03 13.16
CA GLY A 79 15.71 -4.04 13.71
C GLY A 79 14.67 -4.53 14.62
N LEU A 80 14.29 -3.53 15.31
CA LEU A 80 13.29 -3.80 16.25
C LEU A 80 12.16 -4.57 15.60
N ASN A 81 12.00 -5.79 16.02
CA ASN A 81 10.83 -6.51 15.54
C ASN A 81 10.77 -6.89 14.06
N VAL A 82 12.00 -6.92 13.43
CA VAL A 82 12.17 -7.27 12.04
C VAL A 82 11.35 -8.47 11.76
N VAL A 83 11.52 -9.45 12.79
CA VAL A 83 10.92 -10.71 12.31
C VAL A 83 9.39 -10.57 12.15
N LYS A 84 8.52 -10.16 13.10
CA LYS A 84 7.12 -10.12 12.88
C LYS A 84 6.63 -9.16 11.79
N THR A 85 7.32 -8.03 11.74
CA THR A 85 7.07 -6.88 10.86
C THR A 85 7.42 -7.22 9.41
N GLY A 86 8.62 -7.79 9.26
CA GLY A 86 9.07 -8.29 7.96
C GLY A 86 7.87 -9.02 7.37
N ARG A 87 7.26 -9.75 8.25
CA ARG A 87 6.26 -10.68 7.90
C ARG A 87 5.10 -10.05 7.32
N VAL A 88 4.74 -9.09 8.17
CA VAL A 88 3.58 -8.35 7.86
C VAL A 88 3.89 -7.62 6.54
N MET A 89 5.07 -7.18 6.17
CA MET A 89 5.44 -6.53 4.96
C MET A 89 5.25 -7.47 3.77
N LEU A 90 5.77 -8.69 3.86
CA LEU A 90 5.70 -9.68 2.77
C LEU A 90 4.30 -9.99 2.49
N GLY A 91 3.62 -9.99 3.61
CA GLY A 91 2.21 -10.32 3.47
C GLY A 91 2.01 -11.84 3.72
N GLU A 92 0.86 -12.45 3.53
CA GLU A 92 0.76 -13.86 3.78
C GLU A 92 1.49 -14.65 2.73
N THR A 93 1.66 -15.91 3.12
CA THR A 93 2.41 -16.99 2.49
C THR A 93 1.72 -17.34 1.16
N ASN A 94 0.40 -17.51 1.15
CA ASN A 94 -0.26 -17.67 -0.14
C ASN A 94 -0.55 -16.22 -0.63
N PRO A 95 -0.03 -15.81 -1.82
CA PRO A 95 -0.34 -14.44 -2.33
C PRO A 95 -1.80 -13.94 -2.23
N ALA A 96 -2.78 -14.81 -2.35
CA ALA A 96 -4.16 -14.42 -2.36
C ALA A 96 -4.83 -13.91 -1.14
N ASP A 97 -4.01 -13.93 -0.14
CA ASP A 97 -4.66 -13.53 1.04
C ASP A 97 -3.78 -12.45 1.47
N SER A 98 -2.76 -12.31 0.64
CA SER A 98 -1.88 -11.23 0.78
C SER A 98 -2.73 -10.00 0.45
N LYS A 99 -2.39 -8.90 1.07
CA LYS A 99 -3.16 -7.66 1.00
C LYS A 99 -2.39 -6.61 0.23
N PRO A 100 -3.12 -5.72 -0.43
CA PRO A 100 -2.55 -4.65 -1.26
C PRO A 100 -1.83 -3.80 -0.23
N GLY A 101 -0.54 -3.69 -0.43
CA GLY A 101 0.41 -2.93 0.36
C GLY A 101 1.62 -3.85 0.60
N THR A 102 1.32 -5.15 0.68
CA THR A 102 2.43 -6.07 0.94
C THR A 102 3.03 -6.40 -0.35
N ILE A 103 4.29 -6.77 -0.36
CA ILE A 103 5.06 -7.29 -1.50
C ILE A 103 4.32 -8.32 -2.33
N ARG A 104 3.73 -9.23 -1.63
CA ARG A 104 2.97 -10.30 -2.24
C ARG A 104 1.63 -9.84 -2.61
N GLY A 105 1.12 -8.93 -1.75
CA GLY A 105 -0.21 -8.56 -2.20
C GLY A 105 -0.05 -7.65 -3.44
N ASP A 106 1.12 -7.04 -3.65
CA ASP A 106 1.28 -6.13 -4.75
C ASP A 106 1.76 -6.84 -5.93
N PHE A 107 2.82 -7.56 -5.77
CA PHE A 107 3.29 -8.29 -6.89
C PHE A 107 3.09 -9.80 -7.07
N CYS A 108 2.20 -10.64 -6.57
CA CYS A 108 2.45 -11.99 -7.08
C CYS A 108 1.13 -12.67 -6.87
N ILE A 109 0.78 -13.85 -7.47
CA ILE A 109 -0.60 -14.40 -7.34
C ILE A 109 -0.99 -15.76 -6.73
N GLN A 110 0.03 -16.59 -6.65
CA GLN A 110 0.00 -18.00 -6.37
C GLN A 110 1.21 -18.39 -5.56
N VAL A 111 0.72 -19.19 -4.65
CA VAL A 111 1.55 -19.69 -3.61
C VAL A 111 2.82 -20.21 -4.02
N GLY A 112 2.72 -20.93 -5.15
CA GLY A 112 3.97 -21.58 -5.57
C GLY A 112 5.02 -20.72 -6.20
N ARG A 113 4.68 -19.41 -6.39
CA ARG A 113 5.52 -18.42 -7.10
C ARG A 113 5.33 -17.14 -6.31
N ASN A 114 5.93 -17.11 -5.11
CA ASN A 114 5.61 -16.04 -4.15
C ASN A 114 6.72 -15.11 -3.59
N ILE A 115 7.60 -14.87 -4.54
CA ILE A 115 8.71 -13.96 -4.69
C ILE A 115 9.73 -13.92 -3.65
N ILE A 116 9.16 -14.27 -2.47
CA ILE A 116 10.11 -14.18 -1.40
C ILE A 116 9.83 -14.97 -0.16
N HIS A 117 10.89 -14.95 0.62
CA HIS A 117 10.71 -15.63 1.87
C HIS A 117 11.31 -14.85 3.05
N GLY A 118 10.59 -14.89 4.22
CA GLY A 118 11.24 -14.29 5.41
C GLY A 118 11.23 -15.19 6.63
N SER A 119 12.23 -15.17 7.52
CA SER A 119 12.17 -16.13 8.69
C SER A 119 10.87 -15.88 9.44
N ASP A 120 10.21 -16.92 9.97
CA ASP A 120 8.86 -16.69 10.57
C ASP A 120 8.89 -16.64 12.08
N SER A 121 10.15 -16.67 12.62
CA SER A 121 10.40 -16.61 14.05
C SER A 121 11.88 -16.30 14.07
N VAL A 122 12.12 -15.79 15.26
CA VAL A 122 13.57 -15.48 15.40
C VAL A 122 14.41 -16.73 15.47
N GLU A 123 13.62 -17.68 15.96
CA GLU A 123 14.04 -19.03 16.13
C GLU A 123 14.51 -19.44 14.74
N SER A 124 13.53 -19.48 13.82
CA SER A 124 13.82 -19.82 12.39
C SER A 124 14.93 -18.92 11.87
N ALA A 125 14.65 -17.67 12.21
CA ALA A 125 15.55 -16.62 11.89
C ALA A 125 16.94 -16.98 12.19
N GLU A 126 17.09 -17.36 13.41
CA GLU A 126 18.51 -17.53 13.79
C GLU A 126 19.37 -18.54 13.09
N LYS A 127 18.60 -19.61 12.76
CA LYS A 127 18.90 -20.82 12.00
C LYS A 127 19.12 -20.45 10.54
N GLU A 128 18.06 -19.77 9.92
CA GLU A 128 18.14 -19.31 8.53
C GLU A 128 19.46 -18.60 8.14
N ILE A 129 19.79 -17.65 9.00
CA ILE A 129 21.07 -16.94 8.78
C ILE A 129 22.30 -17.78 8.85
N ALA A 130 22.24 -18.60 9.95
CA ALA A 130 23.32 -19.50 10.36
C ALA A 130 23.58 -20.35 9.15
N LEU A 131 22.49 -20.94 8.70
CA LEU A 131 22.57 -21.76 7.45
C LEU A 131 23.03 -20.87 6.30
N TRP A 132 22.27 -19.83 5.95
CA TRP A 132 22.78 -19.08 4.80
C TRP A 132 23.97 -18.17 4.86
N PHE A 133 24.46 -17.74 6.04
CA PHE A 133 25.58 -16.90 5.66
C PHE A 133 26.76 -17.29 6.46
N ARG A 134 27.96 -17.12 5.96
CA ARG A 134 29.16 -17.31 6.75
C ARG A 134 29.06 -16.12 7.65
N PRO A 135 29.85 -15.99 8.70
CA PRO A 135 29.69 -14.92 9.70
C PRO A 135 30.41 -13.66 9.39
N GLU A 136 31.39 -13.94 8.52
CA GLU A 136 32.31 -12.97 7.94
C GLU A 136 31.47 -12.16 6.88
N GLU A 137 30.12 -12.35 6.79
CA GLU A 137 29.22 -11.72 5.86
C GLU A 137 28.08 -10.90 6.49
N LEU A 138 28.11 -10.88 7.79
CA LEU A 138 27.10 -10.13 8.55
C LEU A 138 27.79 -8.74 8.59
N VAL A 139 27.17 -7.60 8.35
CA VAL A 139 28.10 -6.44 8.30
C VAL A 139 27.85 -5.64 9.54
N ASN A 140 28.89 -5.15 10.22
CA ASN A 140 28.58 -4.44 11.46
C ASN A 140 28.67 -2.94 11.26
N TYR A 141 27.47 -2.29 11.20
CA TYR A 141 27.61 -0.83 11.04
C TYR A 141 26.44 -0.12 11.68
N LYS A 142 26.72 1.16 11.94
CA LYS A 142 25.67 2.00 12.49
C LYS A 142 24.92 2.77 11.40
N SER A 143 23.61 2.82 11.58
CA SER A 143 22.90 3.59 10.52
C SER A 143 23.06 5.14 10.39
N CYS A 144 22.66 5.91 9.33
CA CYS A 144 22.63 7.40 9.32
C CYS A 144 21.55 7.83 10.37
N ALA A 145 20.35 7.23 10.38
CA ALA A 145 19.19 7.60 11.19
C ALA A 145 18.70 6.70 12.30
N GLN A 146 19.74 6.17 12.95
CA GLN A 146 19.53 5.30 14.07
C GLN A 146 18.60 6.11 14.98
N ASN A 147 19.05 7.53 15.07
CA ASN A 147 18.34 8.10 16.21
C ASN A 147 17.11 8.89 15.78
N TRP A 148 16.88 8.78 14.45
CA TRP A 148 15.54 9.14 13.93
C TRP A 148 14.61 7.94 13.92
N ILE A 149 15.19 6.68 13.82
CA ILE A 149 14.23 5.61 13.79
C ILE A 149 13.88 5.21 15.22
N TYR A 150 14.91 5.29 16.07
CA TYR A 150 14.66 4.86 17.44
C TYR A 150 14.80 5.85 18.62
N GLU A 151 13.80 5.66 19.52
CA GLU A 151 13.69 6.46 20.75
C GLU A 151 14.92 6.40 21.67
N ALA B 1 -7.05 -22.60 -13.93
CA ALA B 1 -8.10 -21.57 -13.79
C ALA B 1 -7.49 -20.18 -13.99
N ASN B 2 -6.31 -20.27 -14.57
CA ASN B 2 -5.44 -19.17 -14.83
C ASN B 2 -5.82 -18.29 -15.96
N SER B 3 -6.83 -18.77 -16.67
CA SER B 3 -7.55 -18.20 -17.80
C SER B 3 -8.75 -17.47 -17.18
N GLU B 4 -8.99 -17.46 -15.85
CA GLU B 4 -10.08 -16.64 -15.36
C GLU B 4 -9.90 -15.19 -15.85
N ARG B 5 -11.09 -14.63 -16.13
CA ARG B 5 -11.12 -13.25 -16.59
C ARG B 5 -12.18 -12.40 -15.91
N THR B 6 -11.72 -11.16 -15.62
CA THR B 6 -12.60 -10.14 -15.02
C THR B 6 -12.64 -8.81 -15.82
N PHE B 7 -13.75 -8.09 -15.71
CA PHE B 7 -13.95 -6.78 -16.33
C PHE B 7 -13.62 -5.62 -15.39
N ILE B 8 -12.67 -4.74 -15.73
CA ILE B 8 -12.35 -3.59 -14.89
C ILE B 8 -12.50 -2.29 -15.68
N ALA B 9 -13.43 -1.41 -15.25
CA ALA B 9 -13.63 -0.11 -15.90
C ALA B 9 -13.02 1.06 -15.07
N ILE B 10 -12.11 1.92 -15.55
CA ILE B 10 -11.56 3.08 -14.88
C ILE B 10 -12.57 4.17 -15.23
N LYS B 11 -13.37 4.61 -14.28
CA LYS B 11 -14.48 5.51 -14.43
C LYS B 11 -14.08 6.89 -14.85
N PRO B 12 -15.15 7.59 -15.27
CA PRO B 12 -14.93 8.97 -15.72
C PRO B 12 -13.92 9.88 -14.94
N ASP B 13 -13.90 9.70 -13.59
CA ASP B 13 -12.97 10.48 -12.64
C ASP B 13 -11.59 9.99 -12.66
N GLY B 14 -11.74 8.66 -12.79
CA GLY B 14 -10.49 7.89 -12.88
C GLY B 14 -9.63 8.53 -13.94
N VAL B 15 -10.38 8.67 -15.04
CA VAL B 15 -9.98 9.24 -16.31
C VAL B 15 -9.64 10.68 -16.06
N GLN B 16 -10.64 11.53 -15.67
CA GLN B 16 -10.13 12.96 -15.51
C GLN B 16 -8.99 13.10 -14.50
N ARG B 17 -9.12 12.29 -13.43
CA ARG B 17 -8.09 12.32 -12.44
C ARG B 17 -6.69 11.92 -12.91
N GLY B 18 -6.54 11.26 -14.05
CA GLY B 18 -5.10 10.95 -14.32
C GLY B 18 -4.61 9.69 -13.68
N LEU B 19 -5.49 8.76 -13.27
CA LEU B 19 -5.09 7.47 -12.66
C LEU B 19 -5.15 6.27 -13.63
N MET B 20 -4.96 6.53 -14.86
CA MET B 20 -5.18 5.52 -15.80
C MET B 20 -4.12 4.48 -15.80
N GLY B 21 -2.95 4.99 -15.87
CA GLY B 21 -1.80 4.11 -15.95
C GLY B 21 -1.52 3.47 -14.63
N GLU B 22 -1.66 4.35 -13.71
CA GLU B 22 -1.45 3.96 -12.38
C GLU B 22 -2.24 2.71 -12.09
N ILE B 23 -3.50 2.83 -12.39
CA ILE B 23 -4.29 1.66 -12.13
C ILE B 23 -3.83 0.52 -13.02
N ILE B 24 -3.79 0.76 -14.27
CA ILE B 24 -3.36 -0.32 -15.10
C ILE B 24 -2.06 -0.90 -14.48
N LYS B 25 -1.11 -0.10 -14.11
CA LYS B 25 0.10 -0.67 -13.62
C LYS B 25 -0.06 -1.47 -12.35
N ARG B 26 -1.15 -1.32 -11.65
CA ARG B 26 -1.15 -2.20 -10.52
C ARG B 26 -1.41 -3.64 -10.93
N PHE B 27 -2.25 -3.75 -11.96
CA PHE B 27 -2.59 -5.07 -12.45
C PHE B 27 -1.39 -5.60 -13.18
N GLU B 28 -0.74 -4.73 -13.91
CA GLU B 28 0.32 -5.34 -14.54
C GLU B 28 1.21 -5.87 -13.49
N GLN B 29 1.73 -5.06 -12.61
CA GLN B 29 2.73 -5.60 -11.76
C GLN B 29 2.34 -6.71 -10.86
N LYS B 30 1.06 -6.94 -10.59
CA LYS B 30 0.67 -7.98 -9.69
C LYS B 30 0.82 -9.32 -10.37
N GLY B 31 0.90 -9.25 -11.68
CA GLY B 31 1.08 -10.36 -12.63
C GLY B 31 -0.10 -10.72 -13.51
N PHE B 32 -1.22 -10.01 -13.46
CA PHE B 32 -2.33 -10.41 -14.31
C PHE B 32 -2.18 -9.97 -15.74
N ARG B 33 -3.00 -10.38 -16.71
CA ARG B 33 -2.67 -10.02 -18.11
C ARG B 33 -3.84 -9.43 -18.82
N LEU B 34 -3.55 -8.34 -19.53
CA LEU B 34 -4.65 -7.61 -20.13
C LEU B 34 -4.95 -8.36 -21.35
N VAL B 35 -6.17 -8.69 -21.36
CA VAL B 35 -6.64 -9.45 -22.54
C VAL B 35 -7.23 -8.40 -23.50
N ALA B 36 -8.29 -7.68 -23.11
CA ALA B 36 -8.91 -6.64 -23.91
C ALA B 36 -8.77 -5.23 -23.30
N MET B 37 -8.97 -4.23 -24.12
CA MET B 37 -8.87 -2.86 -23.65
C MET B 37 -9.03 -1.72 -24.68
N LYS B 38 -10.05 -0.87 -24.47
CA LYS B 38 -10.29 0.36 -25.18
C LYS B 38 -10.92 1.48 -24.32
N PHE B 39 -10.40 2.59 -24.74
CA PHE B 39 -10.90 3.88 -24.26
C PHE B 39 -12.24 4.32 -24.90
N MET B 40 -13.31 4.38 -24.13
CA MET B 40 -14.53 4.79 -24.73
C MET B 40 -15.38 5.76 -23.96
N ARG B 41 -16.59 5.97 -24.51
CA ARG B 41 -17.62 6.79 -23.94
C ARG B 41 -18.88 5.94 -23.78
N ALA B 42 -18.95 5.21 -22.70
CA ALA B 42 -20.15 4.39 -22.62
C ALA B 42 -21.43 5.08 -23.04
N SER B 43 -22.23 4.33 -23.76
CA SER B 43 -23.47 4.87 -24.19
C SER B 43 -24.39 4.88 -22.99
N GLU B 44 -25.42 5.67 -23.18
CA GLU B 44 -26.39 5.79 -22.12
C GLU B 44 -27.04 4.42 -22.07
N ASP B 45 -27.15 3.97 -23.29
CA ASP B 45 -27.84 2.74 -23.46
C ASP B 45 -27.22 1.56 -22.83
N LEU B 46 -25.92 1.65 -22.90
CA LEU B 46 -25.12 0.60 -22.37
C LEU B 46 -25.19 0.64 -20.88
N LEU B 47 -24.82 1.82 -20.38
CA LEU B 47 -24.84 2.08 -18.95
C LEU B 47 -26.19 1.57 -18.44
N LYS B 48 -27.30 1.93 -19.05
CA LYS B 48 -28.59 1.38 -18.66
C LYS B 48 -28.56 -0.17 -18.66
N GLU B 49 -28.31 -0.88 -19.79
CA GLU B 49 -28.26 -2.35 -19.70
C GLU B 49 -27.17 -2.85 -18.74
N HIS B 50 -26.10 -2.09 -18.59
CA HIS B 50 -25.12 -2.57 -17.66
C HIS B 50 -25.58 -2.49 -16.22
N TYR B 51 -26.22 -1.36 -15.94
CA TYR B 51 -26.67 -1.03 -14.60
C TYR B 51 -28.14 -1.33 -14.48
N ILE B 52 -28.61 -2.40 -15.11
CA ILE B 52 -30.04 -2.50 -15.02
C ILE B 52 -30.70 -2.99 -13.76
N ASP B 53 -30.02 -3.99 -13.18
CA ASP B 53 -30.49 -4.60 -11.95
C ASP B 53 -30.90 -3.39 -11.15
N LEU B 54 -29.88 -2.79 -10.49
CA LEU B 54 -29.89 -1.55 -9.69
C LEU B 54 -30.38 -0.40 -10.56
N LYS B 55 -31.57 -0.55 -11.15
CA LYS B 55 -32.16 0.47 -11.97
C LYS B 55 -32.99 1.33 -11.07
N ASP B 56 -34.15 0.81 -10.77
CA ASP B 56 -35.09 1.56 -9.95
C ASP B 56 -34.59 1.77 -8.51
N ARG B 57 -33.41 2.39 -8.53
CA ARG B 57 -32.65 2.64 -7.34
C ARG B 57 -32.09 4.01 -7.20
N PRO B 58 -32.91 4.87 -6.59
CA PRO B 58 -32.45 6.24 -6.37
C PRO B 58 -31.19 6.58 -7.17
N PHE B 59 -29.99 6.40 -6.49
CA PHE B 59 -28.70 6.69 -7.06
C PHE B 59 -28.93 6.62 -8.55
N PHE B 60 -29.04 5.39 -9.02
CA PHE B 60 -29.31 5.21 -10.44
C PHE B 60 -29.33 6.52 -11.25
N ALA B 61 -30.54 7.05 -11.33
CA ALA B 61 -30.69 8.22 -12.16
C ALA B 61 -29.39 8.64 -12.86
N GLY B 62 -28.68 9.45 -12.08
CA GLY B 62 -27.44 10.15 -12.34
C GLY B 62 -26.15 9.37 -12.35
N LEU B 63 -26.25 8.07 -12.16
CA LEU B 63 -25.08 7.20 -12.20
C LEU B 63 -24.70 7.13 -13.70
N VAL B 64 -25.76 6.78 -14.43
CA VAL B 64 -25.56 6.73 -15.84
C VAL B 64 -25.05 8.06 -16.29
N LYS B 65 -25.81 8.99 -15.71
CA LYS B 65 -25.46 10.31 -16.12
C LYS B 65 -23.99 10.69 -16.02
N TYR B 66 -23.41 10.31 -14.92
CA TYR B 66 -22.03 10.64 -14.77
C TYR B 66 -21.30 9.57 -15.46
N MET B 67 -21.86 8.35 -15.43
CA MET B 67 -21.03 7.29 -15.98
C MET B 67 -20.78 7.60 -17.42
N HIS B 68 -21.89 8.19 -17.90
CA HIS B 68 -21.98 8.66 -19.24
C HIS B 68 -21.27 9.96 -19.43
N SER B 69 -21.20 10.59 -18.29
CA SER B 69 -20.58 11.88 -18.38
C SER B 69 -19.11 11.97 -18.91
N GLY B 70 -18.42 10.84 -19.26
CA GLY B 70 -16.99 11.04 -19.65
C GLY B 70 -16.42 9.77 -20.19
N PRO B 71 -15.26 9.87 -20.78
CA PRO B 71 -14.75 8.62 -21.30
C PRO B 71 -14.21 7.74 -20.16
N VAL B 72 -14.41 6.44 -20.36
CA VAL B 72 -13.89 5.44 -19.47
C VAL B 72 -12.95 4.50 -20.23
N VAL B 73 -12.08 3.77 -19.43
CA VAL B 73 -11.17 2.63 -19.71
C VAL B 73 -11.79 1.28 -19.54
N ALA B 74 -12.41 0.65 -20.58
CA ALA B 74 -12.92 -0.72 -20.66
C ALA B 74 -11.76 -1.74 -20.76
N MET B 75 -11.77 -2.64 -19.77
CA MET B 75 -10.60 -3.51 -19.71
C MET B 75 -11.01 -4.88 -19.23
N VAL B 76 -10.21 -5.80 -19.75
CA VAL B 76 -10.35 -7.20 -19.47
C VAL B 76 -9.01 -7.77 -19.02
N TRP B 77 -9.07 -8.35 -17.80
CA TRP B 77 -7.88 -8.94 -17.20
C TRP B 77 -8.11 -10.39 -16.83
N GLU B 78 -6.91 -10.97 -17.02
CA GLU B 78 -6.76 -12.37 -16.89
C GLU B 78 -5.81 -12.99 -15.88
N GLY B 79 -6.40 -13.89 -15.08
CA GLY B 79 -5.33 -14.47 -14.25
C GLY B 79 -6.04 -15.35 -13.21
N LEU B 80 -5.15 -16.00 -12.45
CA LEU B 80 -5.74 -16.78 -11.40
C LEU B 80 -6.49 -15.97 -10.30
N ASN B 81 -7.74 -16.30 -10.28
CA ASN B 81 -8.65 -15.61 -9.41
C ASN B 81 -8.72 -14.10 -9.67
N VAL B 82 -8.76 -13.59 -10.88
CA VAL B 82 -8.81 -12.13 -10.97
C VAL B 82 -10.04 -11.52 -10.39
N VAL B 83 -11.16 -12.11 -10.63
CA VAL B 83 -12.36 -11.53 -10.06
C VAL B 83 -12.16 -11.23 -8.59
N LYS B 84 -11.89 -12.26 -7.81
CA LYS B 84 -11.73 -12.00 -6.41
C LYS B 84 -10.77 -10.90 -5.96
N THR B 85 -9.64 -11.21 -6.46
CA THR B 85 -8.40 -10.59 -6.38
C THR B 85 -8.33 -9.22 -6.90
N GLY B 86 -8.92 -9.05 -8.08
CA GLY B 86 -8.94 -7.69 -8.59
C GLY B 86 -9.83 -6.87 -7.66
N ARG B 87 -10.79 -7.59 -7.05
CA ARG B 87 -11.63 -6.80 -6.19
C ARG B 87 -11.06 -6.27 -4.89
N VAL B 88 -9.95 -6.85 -4.54
CA VAL B 88 -9.25 -6.47 -3.36
C VAL B 88 -8.32 -5.33 -3.64
N MET B 89 -7.65 -5.46 -4.74
CA MET B 89 -6.71 -4.44 -5.18
C MET B 89 -7.42 -3.08 -5.26
N LEU B 90 -8.70 -3.25 -5.58
CA LEU B 90 -9.67 -2.22 -5.87
C LEU B 90 -9.82 -1.39 -4.66
N GLY B 91 -10.50 -2.04 -3.73
CA GLY B 91 -10.74 -1.63 -2.34
C GLY B 91 -12.22 -1.86 -2.11
N GLU B 92 -12.83 -1.38 -1.03
CA GLU B 92 -14.28 -1.58 -0.76
C GLU B 92 -15.10 -0.69 -1.71
N THR B 93 -16.35 -0.92 -2.17
CA THR B 93 -17.06 -0.06 -3.15
C THR B 93 -17.03 1.40 -2.60
N ASN B 94 -17.20 1.53 -1.31
CA ASN B 94 -17.19 2.86 -0.77
C ASN B 94 -15.81 3.07 -0.25
N PRO B 95 -15.25 4.13 -0.78
CA PRO B 95 -13.92 4.46 -0.51
C PRO B 95 -13.60 4.73 0.93
N ALA B 96 -14.68 5.11 1.64
CA ALA B 96 -14.69 5.40 3.07
C ALA B 96 -14.09 4.17 3.74
N ASP B 97 -14.44 2.99 3.18
CA ASP B 97 -14.01 1.72 3.68
C ASP B 97 -12.84 1.11 3.02
N SER B 98 -12.31 1.65 1.99
CA SER B 98 -11.18 1.01 1.33
C SER B 98 -9.93 1.15 2.09
N LYS B 99 -8.84 0.38 2.00
CA LYS B 99 -7.71 0.89 2.78
C LYS B 99 -6.53 1.30 2.03
N PRO B 100 -5.67 1.82 2.84
CA PRO B 100 -4.44 2.10 2.14
C PRO B 100 -3.91 0.81 1.50
N GLY B 101 -3.30 1.02 0.36
CA GLY B 101 -2.60 0.12 -0.57
C GLY B 101 -3.60 -0.30 -1.69
N THR B 102 -4.91 -0.17 -1.43
CA THR B 102 -5.94 -0.49 -2.44
C THR B 102 -6.07 0.63 -3.41
N ILE B 103 -6.83 0.40 -4.42
CA ILE B 103 -6.86 1.44 -5.41
C ILE B 103 -7.66 2.68 -4.97
N ARG B 104 -8.91 2.43 -4.80
CA ARG B 104 -9.77 3.41 -4.23
C ARG B 104 -9.31 3.84 -2.77
N GLY B 105 -8.54 3.07 -1.97
CA GLY B 105 -8.28 3.61 -0.64
C GLY B 105 -7.36 4.77 -0.72
N ASP B 106 -6.48 4.52 -1.63
CA ASP B 106 -5.45 5.50 -1.95
C ASP B 106 -5.75 6.77 -2.72
N PHE B 107 -6.82 6.74 -3.49
CA PHE B 107 -7.05 7.90 -4.38
C PHE B 107 -8.46 8.45 -4.50
N CYS B 108 -9.35 7.84 -3.77
CA CYS B 108 -10.63 8.45 -3.91
C CYS B 108 -11.40 8.71 -2.57
N ILE B 109 -12.66 9.15 -2.46
CA ILE B 109 -13.07 9.42 -1.13
C ILE B 109 -14.46 9.05 -0.93
N GLN B 110 -15.08 9.52 -1.98
CA GLN B 110 -16.54 9.30 -1.89
C GLN B 110 -17.07 8.34 -2.96
N VAL B 111 -18.02 7.48 -2.58
CA VAL B 111 -18.77 6.48 -3.41
C VAL B 111 -19.29 6.84 -4.80
N GLY B 112 -19.94 8.03 -4.97
CA GLY B 112 -20.51 8.45 -6.24
C GLY B 112 -19.35 8.83 -7.16
N ARG B 113 -18.20 8.83 -6.51
CA ARG B 113 -16.94 9.22 -7.20
C ARG B 113 -15.79 8.28 -6.85
N ASN B 114 -16.10 7.04 -7.25
CA ASN B 114 -15.45 5.75 -7.08
C ASN B 114 -14.26 5.24 -7.86
N ILE B 115 -13.96 6.03 -8.88
CA ILE B 115 -12.93 5.91 -9.84
C ILE B 115 -12.86 4.60 -10.62
N ILE B 116 -13.69 3.60 -10.39
CA ILE B 116 -13.33 2.41 -11.14
C ILE B 116 -14.37 1.37 -10.75
N HIS B 117 -14.47 0.25 -11.47
CA HIS B 117 -15.44 -0.78 -11.06
C HIS B 117 -14.70 -2.00 -11.52
N GLY B 118 -14.99 -3.06 -10.82
CA GLY B 118 -14.40 -4.36 -11.12
C GLY B 118 -15.60 -5.27 -11.10
N SER B 119 -15.66 -6.36 -11.87
CA SER B 119 -16.85 -7.23 -11.75
C SER B 119 -16.93 -7.88 -10.34
N ASP B 120 -18.14 -8.16 -9.80
CA ASP B 120 -18.18 -8.78 -8.47
C ASP B 120 -18.08 -10.28 -8.47
N SER B 121 -17.63 -10.84 -9.59
CA SER B 121 -17.60 -12.28 -9.77
C SER B 121 -17.86 -12.77 -11.17
N VAL B 122 -17.17 -13.88 -11.43
CA VAL B 122 -17.27 -14.71 -12.61
C VAL B 122 -18.63 -14.57 -13.27
N GLU B 123 -19.74 -15.01 -12.59
CA GLU B 123 -20.97 -14.73 -13.28
C GLU B 123 -21.05 -13.33 -13.94
N SER B 124 -20.73 -12.31 -13.12
CA SER B 124 -20.69 -10.91 -13.51
C SER B 124 -19.74 -10.61 -14.64
N ALA B 125 -18.49 -11.03 -14.32
CA ALA B 125 -17.41 -10.87 -15.26
C ALA B 125 -17.91 -11.01 -16.70
N GLU B 126 -18.44 -12.20 -16.89
CA GLU B 126 -18.98 -12.78 -18.11
C GLU B 126 -20.04 -11.96 -18.76
N LYS B 127 -20.97 -11.67 -17.90
CA LYS B 127 -21.95 -10.81 -18.43
C LYS B 127 -21.34 -9.49 -18.88
N GLU B 128 -20.63 -8.81 -17.99
CA GLU B 128 -20.17 -7.52 -18.44
C GLU B 128 -19.18 -7.63 -19.53
N ILE B 129 -18.39 -8.61 -19.28
CA ILE B 129 -17.46 -8.60 -20.35
C ILE B 129 -18.15 -8.78 -21.69
N ALA B 130 -19.07 -9.73 -21.70
CA ALA B 130 -19.77 -9.97 -22.93
C ALA B 130 -20.44 -8.66 -23.38
N LEU B 131 -21.16 -8.08 -22.44
CA LEU B 131 -21.90 -6.88 -22.69
C LEU B 131 -21.05 -5.72 -23.19
N TRP B 132 -19.77 -5.61 -22.84
CA TRP B 132 -18.78 -4.54 -23.10
C TRP B 132 -17.90 -4.79 -24.29
N PHE B 133 -17.78 -6.09 -24.56
CA PHE B 133 -16.92 -6.46 -25.65
C PHE B 133 -17.35 -7.30 -26.85
N ARG B 134 -16.48 -7.24 -27.84
CA ARG B 134 -16.73 -8.00 -29.02
C ARG B 134 -15.56 -8.93 -29.07
N PRO B 135 -15.97 -10.16 -29.29
CA PRO B 135 -15.11 -11.29 -29.35
C PRO B 135 -13.72 -11.11 -29.84
N GLU B 136 -13.69 -10.28 -30.87
CA GLU B 136 -12.44 -9.95 -31.49
C GLU B 136 -11.54 -9.09 -30.69
N GLU B 137 -12.20 -8.23 -29.87
CA GLU B 137 -11.53 -7.23 -28.98
C GLU B 137 -10.70 -7.99 -27.95
N LEU B 138 -11.14 -9.22 -27.63
CA LEU B 138 -10.37 -10.05 -26.72
C LEU B 138 -9.08 -10.50 -27.41
N VAL B 139 -7.92 -10.67 -26.79
CA VAL B 139 -6.74 -10.99 -27.57
C VAL B 139 -5.87 -12.10 -26.88
N ASN B 140 -5.77 -13.25 -27.63
CA ASN B 140 -5.03 -14.38 -27.10
C ASN B 140 -3.59 -14.26 -27.42
N TYR B 141 -2.81 -14.49 -26.39
CA TYR B 141 -1.38 -14.34 -26.36
C TYR B 141 -0.83 -14.85 -25.03
N LYS B 142 0.52 -15.10 -25.05
CA LYS B 142 0.97 -15.62 -23.81
C LYS B 142 2.13 -14.90 -23.26
N SER B 143 2.22 -14.98 -21.91
CA SER B 143 3.26 -14.27 -21.20
C SER B 143 4.70 -14.57 -21.44
N CYS B 144 5.51 -13.58 -21.04
CA CYS B 144 6.92 -13.80 -21.22
C CYS B 144 7.40 -14.56 -20.03
N ALA B 145 6.36 -14.84 -19.24
CA ALA B 145 6.69 -15.52 -18.05
C ALA B 145 5.47 -16.11 -17.44
N GLN B 146 4.76 -16.96 -18.18
CA GLN B 146 3.70 -17.55 -17.40
C GLN B 146 4.30 -18.44 -16.24
N ASN B 147 5.53 -18.83 -16.53
CA ASN B 147 6.30 -19.71 -15.70
C ASN B 147 6.70 -19.19 -14.32
N TRP B 148 6.76 -17.82 -14.22
CA TRP B 148 7.20 -17.33 -12.95
C TRP B 148 6.20 -16.70 -12.14
N ILE B 149 4.94 -17.01 -12.59
CA ILE B 149 3.82 -16.46 -11.97
C ILE B 149 2.89 -17.51 -11.55
N TYR B 150 3.18 -18.53 -12.36
CA TYR B 150 2.35 -19.70 -12.07
C TYR B 150 3.31 -20.83 -12.27
N GLU B 151 2.88 -21.85 -11.48
CA GLU B 151 3.61 -23.10 -11.64
C GLU B 151 2.74 -24.20 -12.29
N ALA C 1 -20.75 18.15 3.67
CA ALA C 1 -19.83 18.31 4.81
C ALA C 1 -18.35 17.99 4.56
N ASN C 2 -17.96 18.33 3.29
CA ASN C 2 -16.65 18.08 2.73
C ASN C 2 -15.67 19.16 3.06
N SER C 3 -15.99 19.75 4.19
CA SER C 3 -15.27 20.88 4.74
C SER C 3 -14.57 20.42 5.99
N GLU C 4 -15.00 19.25 6.46
CA GLU C 4 -14.25 18.83 7.62
C GLU C 4 -12.76 19.07 7.41
N ARG C 5 -12.03 19.50 8.43
CA ARG C 5 -10.58 19.63 8.35
C ARG C 5 -10.01 18.82 9.53
N THR C 6 -8.69 18.70 9.42
CA THR C 6 -7.76 18.01 10.22
C THR C 6 -6.38 18.62 10.21
N PHE C 7 -5.79 18.37 11.38
CA PHE C 7 -4.43 18.89 11.52
C PHE C 7 -3.46 17.72 11.33
N ILE C 8 -2.39 18.03 10.62
CA ILE C 8 -1.40 17.03 10.41
C ILE C 8 -0.09 17.63 10.42
N ALA C 9 0.68 16.97 11.25
CA ALA C 9 2.05 17.41 11.26
C ALA C 9 2.87 16.13 11.07
N ILE C 10 4.06 16.49 10.68
CA ILE C 10 5.12 15.69 10.25
C ILE C 10 6.21 16.03 11.13
N LYS C 11 6.48 14.96 11.84
CA LYS C 11 7.46 14.96 12.86
C LYS C 11 8.80 15.24 12.37
N PRO C 12 9.67 15.43 13.31
CA PRO C 12 11.07 15.73 12.99
C PRO C 12 11.83 14.58 12.30
N ASP C 13 11.23 13.47 12.71
CA ASP C 13 11.76 12.23 12.21
C ASP C 13 11.41 12.15 10.70
N GLY C 14 10.14 12.33 10.38
CA GLY C 14 9.69 12.46 8.98
C GLY C 14 10.57 13.51 8.29
N VAL C 15 10.58 14.67 8.90
CA VAL C 15 11.37 15.63 8.18
C VAL C 15 12.79 15.21 8.00
N GLN C 16 13.35 14.63 9.03
CA GLN C 16 14.81 14.42 8.87
C GLN C 16 15.21 13.31 7.93
N ARG C 17 14.17 12.52 7.82
CA ARG C 17 14.11 11.28 7.12
C ARG C 17 13.69 11.55 5.68
N GLY C 18 13.18 12.72 5.20
CA GLY C 18 12.81 13.05 3.76
C GLY C 18 11.41 12.55 3.40
N LEU C 19 10.42 12.71 4.25
CA LEU C 19 9.21 12.04 3.96
C LEU C 19 8.15 13.06 3.72
N MET C 20 8.71 14.22 3.45
CA MET C 20 7.61 15.15 3.27
C MET C 20 6.70 15.03 2.07
N GLY C 21 7.58 15.02 1.01
CA GLY C 21 7.08 14.98 -0.35
C GLY C 21 6.21 13.75 -0.31
N GLU C 22 6.72 12.60 0.24
CA GLU C 22 5.66 11.54 0.19
C GLU C 22 4.42 11.70 1.02
N ILE C 23 4.63 12.29 2.20
CA ILE C 23 3.36 12.39 2.98
C ILE C 23 2.31 13.20 2.35
N ILE C 24 2.86 14.35 1.88
CA ILE C 24 2.00 15.29 1.18
C ILE C 24 1.33 14.74 -0.06
N LYS C 25 2.34 14.14 -0.75
CA LYS C 25 1.90 13.32 -1.92
C LYS C 25 0.71 12.35 -1.73
N ARG C 26 0.61 11.69 -0.56
CA ARG C 26 -0.61 10.88 -0.36
C ARG C 26 -1.89 11.50 -0.07
N PHE C 27 -1.71 12.72 0.52
CA PHE C 27 -3.02 13.37 0.78
C PHE C 27 -3.44 14.04 -0.53
N GLU C 28 -2.41 14.71 -1.21
CA GLU C 28 -2.75 15.29 -2.52
C GLU C 28 -3.40 14.15 -3.28
N GLN C 29 -2.75 12.97 -3.33
CA GLN C 29 -3.34 11.82 -4.04
C GLN C 29 -4.67 11.24 -3.74
N LYS C 30 -5.06 11.29 -2.49
CA LYS C 30 -6.34 10.67 -2.22
C LYS C 30 -7.34 11.72 -2.59
N GLY C 31 -6.84 12.96 -2.83
CA GLY C 31 -8.08 13.79 -3.06
C GLY C 31 -8.39 14.85 -1.96
N PHE C 32 -7.49 15.18 -0.99
CA PHE C 32 -7.88 16.14 -0.01
C PHE C 32 -7.22 17.47 -0.22
N ARG C 33 -7.86 18.46 0.33
CA ARG C 33 -7.33 19.79 0.05
C ARG C 33 -6.55 20.37 1.13
N LEU C 34 -5.35 20.72 0.70
CA LEU C 34 -4.37 21.37 1.60
C LEU C 34 -4.91 22.77 1.96
N VAL C 35 -5.45 23.10 3.11
CA VAL C 35 -5.93 24.46 3.40
C VAL C 35 -4.77 25.32 4.02
N ALA C 36 -3.78 24.83 4.77
CA ALA C 36 -2.69 25.66 5.17
C ALA C 36 -1.49 24.79 5.44
N MET C 37 -0.33 25.39 5.57
CA MET C 37 0.79 24.56 5.92
C MET C 37 1.98 25.47 6.05
N LYS C 38 2.82 25.17 7.02
CA LYS C 38 4.08 25.81 7.30
C LYS C 38 4.86 24.78 8.09
N PHE C 39 6.09 25.11 7.87
CA PHE C 39 7.28 24.50 8.26
C PHE C 39 7.95 25.32 9.33
N MET C 40 7.78 24.84 10.54
CA MET C 40 8.43 25.48 11.64
C MET C 40 9.02 24.53 12.72
N ARG C 41 9.69 25.12 13.70
CA ARG C 41 10.19 24.50 14.91
C ARG C 41 9.18 24.85 15.96
N ALA C 42 8.39 23.89 16.41
CA ALA C 42 7.46 24.19 17.45
C ALA C 42 8.13 24.38 18.84
N SER C 43 7.60 25.26 19.68
CA SER C 43 8.10 25.55 21.03
C SER C 43 7.56 24.55 22.03
N GLU C 44 8.36 24.59 23.11
CA GLU C 44 7.96 23.62 24.14
C GLU C 44 6.61 24.07 24.59
N ASP C 45 6.47 25.37 24.59
CA ASP C 45 5.10 25.81 25.00
C ASP C 45 4.00 25.23 24.18
N LEU C 46 4.30 25.42 22.88
CA LEU C 46 3.37 24.95 21.82
C LEU C 46 3.06 23.45 21.97
N LEU C 47 4.19 22.69 21.97
CA LEU C 47 4.11 21.22 22.16
C LEU C 47 3.36 20.85 23.43
N LYS C 48 3.77 21.55 24.53
CA LYS C 48 3.14 21.28 25.85
C LYS C 48 1.67 21.55 25.75
N GLU C 49 1.21 22.51 24.95
CA GLU C 49 -0.26 22.50 25.08
C GLU C 49 -0.87 21.59 24.10
N HIS C 50 -0.02 21.42 23.10
CA HIS C 50 -0.60 20.54 22.09
C HIS C 50 -0.76 19.18 22.79
N TYR C 51 0.35 18.82 23.42
CA TYR C 51 0.32 17.54 24.11
C TYR C 51 -0.18 17.45 25.52
N ILE C 52 -1.11 18.32 25.71
CA ILE C 52 -1.55 18.49 27.08
C ILE C 52 -2.10 17.29 27.88
N ASP C 53 -3.01 16.57 27.31
CA ASP C 53 -3.58 15.46 28.02
C ASP C 53 -2.69 14.31 28.38
N LEU C 54 -1.48 14.40 27.92
CA LEU C 54 -0.48 13.35 28.07
C LEU C 54 0.54 13.97 28.93
N LYS C 55 0.17 15.05 29.65
CA LYS C 55 1.20 15.65 30.53
C LYS C 55 1.70 14.68 31.66
N ASP C 56 0.83 13.67 31.97
CA ASP C 56 0.91 12.55 32.94
C ASP C 56 1.09 11.31 32.09
N ARG C 57 2.31 11.22 31.70
CA ARG C 57 2.79 10.17 30.83
C ARG C 57 4.26 10.49 31.08
N PRO C 58 4.97 9.38 31.09
CA PRO C 58 6.33 9.57 31.42
C PRO C 58 7.05 9.90 30.16
N PHE C 59 6.38 9.49 29.07
CA PHE C 59 6.94 9.70 27.73
C PHE C 59 7.10 11.14 27.44
N PHE C 60 6.02 11.71 27.93
CA PHE C 60 5.72 13.09 27.92
C PHE C 60 6.87 14.05 27.92
N ALA C 61 7.93 13.84 28.66
CA ALA C 61 8.82 14.98 28.34
C ALA C 61 9.88 14.62 27.34
N GLY C 62 9.66 13.40 26.85
CA GLY C 62 10.56 12.82 25.90
C GLY C 62 10.07 13.36 24.57
N LEU C 63 8.74 13.19 24.40
CA LEU C 63 7.97 13.59 23.24
C LEU C 63 8.37 15.04 23.04
N VAL C 64 7.81 15.78 24.02
CA VAL C 64 8.05 17.20 24.07
C VAL C 64 9.43 17.65 23.71
N LYS C 65 10.42 16.90 24.14
CA LYS C 65 11.77 17.28 23.70
C LYS C 65 12.04 16.95 22.23
N TYR C 66 11.74 15.67 21.88
CA TYR C 66 12.03 15.32 20.56
C TYR C 66 11.15 16.10 19.59
N MET C 67 9.90 16.24 19.95
CA MET C 67 9.05 17.08 19.10
C MET C 67 9.51 18.56 18.89
N HIS C 68 10.52 18.91 19.59
CA HIS C 68 11.03 20.22 19.52
C HIS C 68 12.48 20.11 19.13
N SER C 69 12.84 18.82 19.04
CA SER C 69 14.25 18.68 18.67
C SER C 69 14.60 19.07 17.21
N GLY C 70 13.57 19.34 16.32
CA GLY C 70 13.82 19.81 14.95
C GLY C 70 12.52 20.30 14.33
N PRO C 71 12.71 20.85 13.13
CA PRO C 71 11.59 21.39 12.37
C PRO C 71 10.59 20.32 12.15
N VAL C 72 9.38 20.77 12.00
CA VAL C 72 8.21 19.95 11.75
C VAL C 72 7.42 20.64 10.60
N VAL C 73 6.36 20.05 10.03
CA VAL C 73 5.51 20.58 9.00
C VAL C 73 4.10 20.42 9.53
N ALA C 74 3.47 21.64 9.74
CA ALA C 74 2.10 21.67 10.19
C ALA C 74 1.23 21.86 9.00
N MET C 75 0.02 21.34 9.03
CA MET C 75 -0.78 21.49 7.86
C MET C 75 -2.17 21.29 8.22
N VAL C 76 -3.13 21.72 7.40
CA VAL C 76 -4.56 21.40 7.71
C VAL C 76 -4.94 20.96 6.34
N TRP C 77 -5.73 19.92 6.26
CA TRP C 77 -6.05 19.31 5.01
C TRP C 77 -7.50 19.23 5.11
N GLU C 78 -8.14 19.45 3.98
CA GLU C 78 -9.51 19.21 4.25
C GLU C 78 -10.12 18.39 3.15
N GLY C 79 -11.23 17.95 3.69
CA GLY C 79 -12.16 17.14 3.00
C GLY C 79 -13.09 16.33 3.88
N LEU C 80 -14.07 15.59 3.28
CA LEU C 80 -15.13 14.74 3.90
C LEU C 80 -14.46 13.62 4.74
N ASN C 81 -14.97 13.46 5.99
CA ASN C 81 -14.35 12.59 7.00
C ASN C 81 -12.85 12.51 6.93
N VAL C 82 -12.25 13.69 6.63
CA VAL C 82 -10.83 13.80 6.57
C VAL C 82 -10.14 13.48 7.90
N VAL C 83 -10.86 13.41 9.02
CA VAL C 83 -10.19 13.18 10.30
C VAL C 83 -10.10 11.69 10.48
N LYS C 84 -11.23 10.98 10.41
CA LYS C 84 -11.04 9.52 10.43
C LYS C 84 -10.02 8.93 9.36
N THR C 85 -10.35 9.20 8.07
CA THR C 85 -9.55 8.89 6.87
C THR C 85 -8.07 9.11 6.99
N GLY C 86 -7.77 10.34 7.41
CA GLY C 86 -6.39 10.70 7.60
C GLY C 86 -5.68 9.78 8.58
N ARG C 87 -6.59 9.37 9.45
CA ARG C 87 -5.94 8.56 10.50
C ARG C 87 -5.54 7.25 10.01
N VAL C 88 -6.57 6.72 9.34
CA VAL C 88 -6.37 5.48 8.65
C VAL C 88 -5.15 5.53 7.71
N MET C 89 -5.04 6.56 6.86
CA MET C 89 -3.87 6.70 6.03
C MET C 89 -2.57 6.61 6.80
N LEU C 90 -2.75 7.18 7.97
CA LEU C 90 -1.61 7.44 8.88
C LEU C 90 -0.83 6.24 9.34
N GLY C 91 -1.78 5.39 9.59
CA GLY C 91 -1.27 4.19 10.19
C GLY C 91 -1.82 4.18 11.63
N GLU C 92 -1.14 3.51 12.52
CA GLU C 92 -1.64 3.41 13.85
C GLU C 92 -0.63 4.14 14.66
N THR C 93 -1.05 4.53 15.84
CA THR C 93 -0.09 5.23 16.72
C THR C 93 1.23 4.49 16.90
N ASN C 94 1.03 3.16 17.13
CA ASN C 94 2.20 2.31 17.18
C ASN C 94 2.56 1.71 15.78
N PRO C 95 3.70 2.11 15.22
CA PRO C 95 4.05 1.56 13.91
C PRO C 95 3.92 -0.01 13.75
N ALA C 96 4.25 -0.67 14.87
CA ALA C 96 4.19 -2.09 15.08
C ALA C 96 2.87 -2.58 14.63
N ASP C 97 1.91 -1.76 14.91
CA ASP C 97 0.62 -2.17 14.45
C ASP C 97 0.00 -1.56 13.23
N SER C 98 0.85 -0.89 12.47
CA SER C 98 0.22 -0.26 11.31
C SER C 98 0.57 -1.03 10.05
N LYS C 99 -0.54 -1.38 9.36
CA LYS C 99 -0.64 -2.08 8.09
C LYS C 99 0.15 -1.48 6.95
N PRO C 100 0.97 -2.30 6.26
CA PRO C 100 1.70 -1.84 5.06
C PRO C 100 0.78 -1.00 4.09
N GLY C 101 1.23 0.12 3.42
CA GLY C 101 0.18 0.92 2.68
C GLY C 101 -0.19 2.22 3.46
N THR C 102 0.07 2.29 4.76
CA THR C 102 -0.15 3.35 5.68
C THR C 102 1.21 3.94 5.78
N ILE C 103 1.21 5.23 6.04
CA ILE C 103 2.48 5.96 6.16
C ILE C 103 3.44 5.41 7.21
N ARG C 104 2.70 5.13 8.28
CA ARG C 104 3.32 4.58 9.50
C ARG C 104 3.90 3.23 9.11
N GLY C 105 2.98 2.49 8.46
CA GLY C 105 3.16 1.19 7.80
C GLY C 105 4.44 1.19 6.99
N ASP C 106 4.75 2.10 5.96
CA ASP C 106 5.99 1.72 5.20
C ASP C 106 7.22 2.34 5.62
N PHE C 107 6.84 3.30 6.48
CA PHE C 107 7.98 4.15 6.83
C PHE C 107 8.71 4.27 8.11
N CYS C 108 8.06 3.71 9.15
CA CYS C 108 8.54 3.82 10.56
C CYS C 108 8.35 2.57 11.43
N ILE C 109 9.33 2.29 12.28
CA ILE C 109 9.48 1.10 13.15
C ILE C 109 8.84 1.26 14.53
N GLN C 110 9.06 2.36 15.26
CA GLN C 110 8.69 2.70 16.64
C GLN C 110 7.85 3.95 17.06
N VAL C 111 7.06 3.79 18.14
CA VAL C 111 6.19 4.74 18.84
C VAL C 111 6.69 6.14 19.13
N GLY C 112 7.97 6.29 19.33
CA GLY C 112 8.68 7.50 19.63
C GLY C 112 9.47 8.13 18.55
N ARG C 113 9.45 7.44 17.44
CA ARG C 113 9.99 7.94 16.20
C ARG C 113 8.95 7.57 15.15
N ASN C 114 7.69 7.95 15.42
CA ASN C 114 6.59 7.50 14.53
C ASN C 114 6.11 8.52 13.44
N ILE C 115 7.12 9.35 13.11
CA ILE C 115 7.09 10.45 12.15
C ILE C 115 5.80 11.28 11.91
N ILE C 116 4.66 11.01 12.49
CA ILE C 116 3.69 11.95 11.98
C ILE C 116 2.59 12.12 12.99
N HIS C 117 1.62 13.09 12.96
CA HIS C 117 0.53 13.13 13.91
C HIS C 117 -0.62 13.59 13.07
N GLY C 118 -1.82 13.17 13.37
CA GLY C 118 -2.84 13.68 12.57
C GLY C 118 -3.88 13.72 13.68
N SER C 119 -4.83 14.58 13.59
CA SER C 119 -5.86 14.71 14.60
C SER C 119 -6.68 13.49 14.91
N ASP C 120 -7.01 13.31 16.22
CA ASP C 120 -7.86 12.18 16.51
C ASP C 120 -9.28 12.41 16.42
N SER C 121 -9.66 13.65 16.20
CA SER C 121 -11.16 13.62 16.20
C SER C 121 -11.41 15.03 15.76
N VAL C 122 -12.67 15.23 15.45
CA VAL C 122 -12.84 16.59 14.96
C VAL C 122 -12.61 17.71 16.00
N GLU C 123 -13.01 17.42 17.22
CA GLU C 123 -12.75 18.38 18.28
C GLU C 123 -11.28 18.56 18.50
N SER C 124 -10.63 17.47 18.28
CA SER C 124 -9.24 17.63 18.48
C SER C 124 -8.73 18.44 17.33
N ALA C 125 -9.40 18.26 16.19
CA ALA C 125 -8.81 18.99 15.06
C ALA C 125 -8.90 20.52 15.16
N GLU C 126 -10.14 20.94 15.58
CA GLU C 126 -10.48 22.34 15.87
C GLU C 126 -9.46 23.00 16.84
N LYS C 127 -9.20 22.16 17.83
CA LYS C 127 -8.17 22.58 18.80
C LYS C 127 -6.82 22.89 18.28
N GLU C 128 -6.30 21.86 17.59
CA GLU C 128 -4.95 21.89 17.09
C GLU C 128 -4.71 22.85 15.98
N ILE C 129 -5.79 22.85 15.22
CA ILE C 129 -5.78 23.82 14.11
C ILE C 129 -5.61 25.24 14.73
N ALA C 130 -6.58 25.54 15.68
CA ALA C 130 -6.54 26.83 16.42
C ALA C 130 -5.14 27.04 17.09
N LEU C 131 -4.72 25.95 17.68
CA LEU C 131 -3.41 25.98 18.29
C LEU C 131 -2.31 26.34 17.36
N TRP C 132 -2.39 25.63 16.21
CA TRP C 132 -1.22 25.79 15.36
C TRP C 132 -1.30 26.92 14.39
N PHE C 133 -2.55 27.13 14.05
CA PHE C 133 -2.58 28.21 13.08
C PHE C 133 -3.49 29.32 13.52
N ARG C 134 -2.95 30.46 13.03
CA ARG C 134 -3.83 31.65 12.97
C ARG C 134 -4.82 31.43 11.84
N PRO C 135 -6.13 31.61 12.07
CA PRO C 135 -7.18 31.44 11.03
C PRO C 135 -6.95 32.04 9.62
N GLU C 136 -6.18 33.08 9.61
CA GLU C 136 -5.79 33.89 8.50
C GLU C 136 -4.99 33.00 7.59
N GLU C 137 -4.08 32.22 8.25
CA GLU C 137 -3.18 31.34 7.49
C GLU C 137 -3.97 30.26 6.77
N LEU C 138 -5.20 30.08 7.13
CA LEU C 138 -5.77 29.03 6.39
C LEU C 138 -6.32 29.55 5.08
N VAL C 139 -5.91 29.06 3.86
CA VAL C 139 -6.34 29.38 2.48
C VAL C 139 -7.72 28.97 1.98
N ASN C 140 -8.64 29.93 1.85
CA ASN C 140 -9.93 29.45 1.37
C ASN C 140 -9.94 29.52 -0.15
N TYR C 141 -10.14 28.36 -0.81
CA TYR C 141 -10.18 28.16 -2.27
C TYR C 141 -10.95 26.95 -2.76
N LYS C 142 -11.11 26.89 -4.05
CA LYS C 142 -11.79 25.72 -4.61
C LYS C 142 -10.84 24.86 -5.43
N SER C 143 -11.09 23.54 -5.46
CA SER C 143 -10.29 22.54 -6.16
C SER C 143 -10.57 22.32 -7.67
N CYS C 144 -9.53 22.13 -8.54
CA CYS C 144 -9.98 21.74 -9.87
C CYS C 144 -10.84 20.48 -9.87
N ALA C 145 -10.25 19.48 -9.18
CA ALA C 145 -10.76 18.12 -8.97
C ALA C 145 -12.15 18.02 -8.38
N GLN C 146 -12.37 19.14 -7.78
CA GLN C 146 -13.58 19.25 -7.06
C GLN C 146 -14.76 18.40 -7.46
N ASN C 147 -15.29 18.66 -8.62
CA ASN C 147 -16.45 17.84 -9.01
C ASN C 147 -16.12 16.37 -9.27
N TRP C 148 -14.83 16.06 -9.58
CA TRP C 148 -14.45 14.69 -9.87
C TRP C 148 -14.33 13.80 -8.69
N ILE C 149 -14.05 14.45 -7.53
CA ILE C 149 -13.92 13.76 -6.28
C ILE C 149 -15.25 13.72 -5.59
N TYR C 150 -15.98 14.79 -5.89
CA TYR C 150 -17.26 14.84 -5.16
C TYR C 150 -18.48 14.87 -6.05
N GLU C 151 -19.45 14.08 -5.56
CA GLU C 151 -20.79 13.91 -6.12
C GLU C 151 -21.53 15.27 -5.99
PA PCG D . 8.04 -19.49 2.31
O1A PCG D . 9.35 -19.73 1.55
O2A PCG D . 8.29 -18.28 3.20
O5' PCG D . 7.82 -20.72 3.11
C5' PCG D . 7.81 -22.05 2.52
C4' PCG D . 7.36 -21.88 1.11
O4' PCG D . 6.92 -23.08 0.39
C3' PCG D . 6.20 -20.91 1.12
O3' PCG D . 6.67 -19.59 1.68
C2' PCG D . 5.95 -21.12 -0.40
O2' PCG D . 7.03 -20.87 -1.30
C1' PCG D . 5.89 -22.63 -0.47
N9 PCG D . 4.61 -23.11 0.01
C8 PCG D . 3.84 -23.01 1.17
N7 PCG D . 2.69 -23.66 1.03
C5 PCG D . 2.70 -24.25 -0.29
C6 PCG D . 1.70 -24.94 -1.07
O6 PCG D . 0.57 -25.40 -0.71
N1 PCG D . 2.10 -25.13 -2.41
C2 PCG D . 3.30 -24.70 -3.00
N2 PCG D . 3.50 -25.02 -4.30
N3 PCG D . 4.25 -24.03 -2.31
C4 PCG D . 3.88 -23.82 -0.97
PA PCG E . -19.47 -0.20 -8.93
O1A PCG E . -19.46 0.27 -10.37
O2A PCG E . -18.51 -1.35 -8.75
O5' PCG E . -20.84 -0.79 -8.75
C5' PCG E . -21.99 -0.02 -9.12
C4' PCG E . -21.66 1.34 -8.58
O4' PCG E . -22.82 1.86 -7.93
C3' PCG E . -20.64 1.32 -7.43
O3' PCG E . -19.25 0.88 -7.89
C2' PCG E . -20.88 2.75 -6.95
O2' PCG E . -20.17 3.81 -7.65
C1' PCG E . -22.34 3.01 -7.30
N9 PCG E . -23.10 3.25 -6.11
C8 PCG E . -23.32 2.09 -5.42
N7 PCG E . -23.94 2.32 -4.30
C5 PCG E . -24.11 3.71 -4.22
C6 PCG E . -24.75 4.50 -3.19
O6 PCG E . -25.35 4.12 -2.09
N1 PCG E . -24.64 5.87 -3.59
C2 PCG E . -24.04 6.37 -4.75
N2 PCG E . -24.16 7.71 -4.82
N3 PCG E . -23.43 5.65 -5.71
C4 PCG E . -23.54 4.31 -5.36
PA PCG F . 0.96 11.07 18.42
O1A PCG F . 2.01 11.97 17.89
O2A PCG F . -0.21 11.12 17.51
O5' PCG F . 0.31 11.43 19.70
C5' PCG F . 0.88 11.18 20.98
C4' PCG F . 2.12 10.39 20.74
O4' PCG F . 3.17 10.44 21.68
C3' PCG F . 2.35 9.30 19.69
O3' PCG F . 1.68 9.74 18.50
C2' PCG F . 3.91 9.35 19.74
O2' PCG F . 4.53 10.52 19.20
C1' PCG F . 4.13 9.47 21.27
N9 PCG F . 3.65 8.31 22.04
C8 PCG F . 2.45 7.67 22.30
N7 PCG F . 2.61 6.62 23.06
C5 PCG F . 4.00 6.62 23.36
C6 PCG F . 4.73 5.69 24.17
O6 PCG F . 4.28 4.70 24.83
N1 PCG F . 6.09 6.05 24.15
C2 PCG F . 6.66 7.17 23.50
N2 PCG F . 8.00 7.26 23.68
N3 PCG F . 5.98 8.12 22.78
C4 PCG F . 4.66 7.73 22.78
#